data_1I0R
#
_entry.id   1I0R
#
_cell.length_a   56.378
_cell.length_b   56.378
_cell.length_c   214.570
_cell.angle_alpha   90.00
_cell.angle_beta   90.00
_cell.angle_gamma   90.00
#
_symmetry.space_group_name_H-M   'P 41 21 2'
#
loop_
_entity.id
_entity.type
_entity.pdbx_description
1 polymer 'CONSERVED HYPOTHETICAL PROTEIN'
2 non-polymer 'FLAVIN MONONUCLEOTIDE'
3 water water
#
_entity_poly.entity_id   1
_entity_poly.type   'polypeptide(L)'
_entity_poly.pdbx_seq_one_letter_code
;MDVEAFYKISYGLYIVTSESNGRKCGQIANTVFQLTSKPVQIAVCLNKENDTHNAVKESGAFGVSVLELETPMEFIGRFG
FRKSSEFEKFDGVEYKTGKTGVPLVTQHAVAVIEAKVVKECDVGTHTLFVGEAVDAEVLKDAEVLTYADYHLMKKGKTPR
TATVYFESK
;
_entity_poly.pdbx_strand_id   A,B
#
# COMPACT_ATOMS: atom_id res chain seq x y z
N MET A 1 -15.32 11.02 12.70
CA MET A 1 -14.39 10.17 11.93
C MET A 1 -13.90 8.99 12.76
N ASP A 2 -14.20 7.78 12.32
CA ASP A 2 -13.84 6.56 13.01
C ASP A 2 -12.46 6.03 12.57
N VAL A 3 -11.48 6.14 13.45
CA VAL A 3 -10.14 5.67 13.12
C VAL A 3 -10.07 4.21 12.70
N GLU A 4 -10.99 3.39 13.19
CA GLU A 4 -11.03 1.97 12.83
C GLU A 4 -11.21 1.73 11.34
N ALA A 5 -11.78 2.70 10.64
CA ALA A 5 -11.99 2.53 9.21
C ALA A 5 -10.64 2.42 8.50
N PHE A 6 -9.63 3.14 8.99
CA PHE A 6 -8.32 3.08 8.35
C PHE A 6 -7.65 1.73 8.56
N TYR A 7 -8.09 0.99 9.57
CA TYR A 7 -7.56 -0.34 9.87
C TYR A 7 -7.94 -1.33 8.78
N LYS A 8 -8.93 -0.96 7.96
CA LYS A 8 -9.40 -1.82 6.90
C LYS A 8 -8.55 -1.80 5.63
N ILE A 9 -7.60 -0.85 5.55
CA ILE A 9 -6.71 -0.76 4.38
C ILE A 9 -5.67 -1.91 4.47
N SER A 10 -5.42 -2.58 3.35
CA SER A 10 -4.48 -3.71 3.31
C SER A 10 -3.06 -3.34 2.99
N TYR A 11 -2.13 -4.08 3.60
CA TYR A 11 -0.68 -3.82 3.34
C TYR A 11 0.10 -5.10 3.46
N GLY A 12 1.34 -5.09 2.95
CA GLY A 12 2.27 -6.20 3.18
C GLY A 12 3.11 -5.78 4.40
N LEU A 13 4.16 -6.55 4.68
CA LEU A 13 5.09 -6.19 5.77
C LEU A 13 6.48 -6.38 5.18
N TYR A 14 7.35 -5.40 5.41
CA TYR A 14 8.67 -5.35 4.76
C TYR A 14 9.75 -4.82 5.65
N ILE A 15 11.00 -5.04 5.21
CA ILE A 15 12.10 -4.36 5.88
C ILE A 15 12.59 -3.35 4.82
N VAL A 16 12.74 -2.09 5.18
CA VAL A 16 13.24 -1.08 4.23
C VAL A 16 14.65 -0.76 4.72
N THR A 17 15.63 -0.77 3.82
CA THR A 17 17.02 -0.57 4.25
C THR A 17 17.77 0.50 3.47
N SER A 18 18.88 0.98 4.04
CA SER A 18 19.70 1.98 3.35
C SER A 18 21.03 2.04 4.07
N GLU A 19 21.99 2.75 3.48
CA GLU A 19 23.30 2.90 4.10
C GLU A 19 23.82 4.29 3.85
N SER A 20 24.30 4.96 4.89
CA SER A 20 24.88 6.28 4.72
C SER A 20 26.08 6.46 5.63
N ASN A 21 27.21 6.86 5.03
CA ASN A 21 28.43 7.09 5.79
C ASN A 21 28.87 5.79 6.46
N GLY A 22 28.76 4.66 5.76
CA GLY A 22 29.16 3.38 6.35
C GLY A 22 28.21 2.84 7.41
N ARG A 23 27.15 3.57 7.72
CA ARG A 23 26.20 3.11 8.74
C ARG A 23 24.97 2.49 8.08
N LYS A 24 24.75 1.21 8.32
CA LYS A 24 23.60 0.50 7.76
C LYS A 24 22.38 0.76 8.63
N CYS A 25 21.26 0.98 7.96
CA CYS A 25 20.00 1.24 8.64
C CYS A 25 18.90 0.37 8.04
N GLY A 26 17.99 -0.06 8.90
CA GLY A 26 16.86 -0.82 8.40
C GLY A 26 15.70 -0.64 9.36
N GLN A 27 14.50 -0.76 8.83
CA GLN A 27 13.31 -0.62 9.67
C GLN A 27 12.18 -1.43 9.09
N ILE A 28 11.22 -1.80 9.94
CA ILE A 28 10.03 -2.47 9.40
C ILE A 28 9.14 -1.34 8.81
N ALA A 29 8.46 -1.67 7.72
CA ALA A 29 7.46 -0.74 7.13
C ALA A 29 6.34 -1.55 6.52
N ASN A 30 5.11 -1.02 6.65
CA ASN A 30 4.01 -1.64 5.93
C ASN A 30 3.64 -0.76 4.73
N THR A 31 4.10 0.49 4.73
CA THR A 31 3.71 1.42 3.66
C THR A 31 4.69 1.40 2.50
N VAL A 32 4.58 0.37 1.67
CA VAL A 32 5.45 0.14 0.52
C VAL A 32 4.54 -0.29 -0.64
N PHE A 33 4.64 0.39 -1.78
CA PHE A 33 3.75 0.04 -2.90
C PHE A 33 4.35 0.43 -4.24
N GLN A 34 4.00 -0.31 -5.29
CA GLN A 34 4.46 0.05 -6.63
C GLN A 34 3.54 1.17 -7.13
N LEU A 35 4.11 2.21 -7.73
CA LEU A 35 3.30 3.31 -8.24
C LEU A 35 3.09 3.27 -9.74
N THR A 36 4.13 2.89 -10.47
CA THR A 36 4.08 2.84 -11.94
C THR A 36 4.84 1.66 -12.52
N SER A 37 4.61 1.39 -13.80
CA SER A 37 5.33 0.31 -14.48
C SER A 37 6.28 0.82 -15.57
N LYS A 38 6.07 2.06 -16.03
CA LYS A 38 6.93 2.65 -17.04
C LYS A 38 7.57 3.95 -16.59
N PRO A 39 8.74 3.89 -15.93
CA PRO A 39 9.53 2.70 -15.55
C PRO A 39 8.96 2.16 -14.22
N VAL A 40 9.52 1.07 -13.72
CA VAL A 40 8.99 0.55 -12.46
C VAL A 40 9.45 1.46 -11.33
N GLN A 41 8.49 2.02 -10.59
CA GLN A 41 8.76 2.90 -9.46
C GLN A 41 8.03 2.38 -8.25
N ILE A 42 8.76 2.36 -7.14
CA ILE A 42 8.23 1.88 -5.85
C ILE A 42 8.29 3.02 -4.84
N ALA A 43 7.26 3.15 -4.03
CA ALA A 43 7.24 4.18 -3.00
C ALA A 43 7.35 3.55 -1.60
N VAL A 44 8.08 4.24 -0.71
CA VAL A 44 8.15 3.85 0.70
C VAL A 44 7.87 5.12 1.51
N CYS A 45 7.05 5.02 2.55
CA CYS A 45 6.73 6.21 3.35
C CYS A 45 7.36 6.05 4.73
N LEU A 46 8.40 6.85 4.99
CA LEU A 46 9.19 6.72 6.21
C LEU A 46 9.08 7.94 7.12
N ASN A 47 8.94 7.69 8.42
CA ASN A 47 8.81 8.77 9.39
C ASN A 47 10.14 9.55 9.48
N LYS A 48 10.06 10.88 9.46
CA LYS A 48 11.27 11.73 9.53
C LYS A 48 12.15 11.50 10.76
N GLU A 49 11.58 10.92 11.82
CA GLU A 49 12.38 10.64 13.03
C GLU A 49 13.26 9.40 12.89
N ASN A 50 13.02 8.58 11.87
CA ASN A 50 13.73 7.32 11.72
C ASN A 50 15.13 7.43 11.18
N ASP A 51 16.04 6.63 11.74
CA ASP A 51 17.40 6.60 11.20
C ASP A 51 17.37 6.17 9.72
N THR A 52 16.50 5.23 9.33
CA THR A 52 16.46 4.76 7.96
C THR A 52 15.98 5.89 7.02
N HIS A 53 15.05 6.71 7.49
CA HIS A 53 14.61 7.88 6.70
C HIS A 53 15.80 8.77 6.34
N ASN A 54 16.63 9.06 7.35
CA ASN A 54 17.78 9.92 7.10
C ASN A 54 18.82 9.28 6.21
N ALA A 55 19.01 7.96 6.31
CA ALA A 55 19.96 7.28 5.45
C ALA A 55 19.47 7.36 4.00
N VAL A 56 18.17 7.22 3.78
CA VAL A 56 17.64 7.30 2.42
C VAL A 56 17.74 8.72 1.90
N LYS A 57 17.43 9.70 2.74
CA LYS A 57 17.52 11.11 2.37
C LYS A 57 18.96 11.44 1.91
N GLU A 58 19.94 10.96 2.66
CA GLU A 58 21.34 11.23 2.34
C GLU A 58 21.82 10.45 1.13
N SER A 59 21.61 9.14 1.11
CA SER A 59 22.19 8.31 0.07
C SER A 59 21.43 8.20 -1.25
N GLY A 60 20.15 8.55 -1.23
CA GLY A 60 19.37 8.44 -2.46
C GLY A 60 19.13 7.03 -2.94
N ALA A 61 19.17 6.06 -2.02
CA ALA A 61 18.91 4.68 -2.39
C ALA A 61 18.25 3.91 -1.24
N PHE A 62 17.46 2.90 -1.60
CA PHE A 62 16.86 2.03 -0.57
C PHE A 62 16.63 0.65 -1.07
N GLY A 63 16.57 -0.29 -0.13
CA GLY A 63 16.26 -1.66 -0.45
C GLY A 63 14.95 -2.04 0.25
N VAL A 64 14.29 -3.04 -0.30
CA VAL A 64 13.06 -3.56 0.27
C VAL A 64 13.12 -5.09 0.36
N SER A 65 12.87 -5.65 1.54
CA SER A 65 12.76 -7.10 1.69
C SER A 65 11.29 -7.42 1.99
N VAL A 66 10.69 -8.31 1.22
CA VAL A 66 9.28 -8.69 1.43
C VAL A 66 9.31 -9.88 2.40
N LEU A 67 8.77 -9.69 3.59
CA LEU A 67 8.82 -10.72 4.63
C LEU A 67 7.94 -11.91 4.38
N GLU A 68 8.45 -13.09 4.75
CA GLU A 68 7.71 -14.33 4.59
C GLU A 68 6.71 -14.54 5.76
N LEU A 69 5.68 -15.32 5.48
CA LEU A 69 4.65 -15.62 6.45
C LEU A 69 5.20 -16.12 7.79
N GLU A 70 6.24 -16.96 7.74
CA GLU A 70 6.84 -17.52 8.95
C GLU A 70 7.92 -16.69 9.60
N THR A 71 7.96 -15.40 9.31
CA THR A 71 8.96 -14.56 9.95
C THR A 71 8.67 -14.48 11.46
N PRO A 72 9.68 -14.77 12.31
CA PRO A 72 9.52 -14.73 13.77
C PRO A 72 9.23 -13.34 14.29
N MET A 73 8.44 -13.24 15.35
CA MET A 73 8.15 -11.95 15.93
C MET A 73 9.42 -11.24 16.43
N GLU A 74 10.40 -12.01 16.92
CA GLU A 74 11.63 -11.35 17.39
C GLU A 74 12.41 -10.69 16.27
N PHE A 75 12.30 -11.22 15.05
CA PHE A 75 13.00 -10.65 13.88
C PHE A 75 12.30 -9.34 13.49
N ILE A 76 10.98 -9.32 13.57
CA ILE A 76 10.24 -8.08 13.27
C ILE A 76 10.61 -7.03 14.33
N GLY A 77 10.72 -7.44 15.60
CA GLY A 77 11.03 -6.51 16.67
C GLY A 77 12.45 -5.95 16.59
N ARG A 78 13.36 -6.76 16.09
CA ARG A 78 14.76 -6.38 15.88
C ARG A 78 14.78 -5.14 14.98
N PHE A 79 13.97 -5.17 13.93
CA PHE A 79 13.95 -4.03 13.01
C PHE A 79 12.92 -2.96 13.25
N GLY A 80 11.86 -3.30 13.96
CA GLY A 80 10.77 -2.36 14.14
C GLY A 80 10.53 -1.67 15.48
N PHE A 81 11.34 -2.01 16.47
CA PHE A 81 11.16 -1.43 17.80
C PHE A 81 12.40 -0.87 18.43
N ARG A 82 13.36 -0.45 17.60
CA ARG A 82 14.58 0.17 18.11
C ARG A 82 15.23 0.95 16.97
N LYS A 83 16.21 1.79 17.28
CA LYS A 83 16.86 2.61 16.23
C LYS A 83 18.16 2.00 15.73
N SER A 84 18.36 2.08 14.42
CA SER A 84 19.55 1.53 13.75
C SER A 84 20.87 2.09 14.29
N SER A 85 20.85 3.34 14.72
CA SER A 85 22.05 3.99 15.24
C SER A 85 22.36 3.58 16.67
N GLU A 86 21.39 2.93 17.32
CA GLU A 86 21.56 2.54 18.72
C GLU A 86 21.66 1.06 19.02
N PHE A 87 21.31 0.22 18.05
CA PHE A 87 21.37 -1.23 18.20
C PHE A 87 21.83 -1.74 16.85
N GLU A 88 22.78 -2.68 16.84
CA GLU A 88 23.32 -3.24 15.59
C GLU A 88 22.35 -4.26 15.01
N LYS A 89 21.38 -3.73 14.26
CA LYS A 89 20.32 -4.56 13.68
C LYS A 89 20.77 -5.62 12.71
N PHE A 90 21.86 -5.36 12.01
CA PHE A 90 22.33 -6.32 11.03
C PHE A 90 23.25 -7.38 11.59
N ASP A 91 23.79 -7.16 12.78
CA ASP A 91 24.68 -8.16 13.39
C ASP A 91 23.83 -9.34 13.81
N GLY A 92 24.10 -10.50 13.21
CA GLY A 92 23.35 -11.71 13.50
C GLY A 92 22.31 -12.06 12.45
N VAL A 93 22.29 -11.29 11.36
CA VAL A 93 21.33 -11.48 10.27
C VAL A 93 22.05 -11.69 8.94
N GLU A 94 21.45 -12.46 8.02
CA GLU A 94 22.06 -12.68 6.70
C GLU A 94 21.64 -11.59 5.71
N TYR A 95 22.60 -10.99 5.01
CA TYR A 95 22.28 -9.95 4.03
C TYR A 95 23.41 -9.85 3.00
N LYS A 96 23.17 -9.10 1.93
CA LYS A 96 24.19 -8.90 0.91
C LYS A 96 24.10 -7.42 0.52
N THR A 97 25.04 -6.95 -0.30
CA THR A 97 25.04 -5.55 -0.72
C THR A 97 24.56 -5.44 -2.16
N GLY A 98 23.56 -4.58 -2.37
CA GLY A 98 23.02 -4.42 -3.70
C GLY A 98 23.87 -3.57 -4.62
N LYS A 99 23.45 -3.49 -5.88
CA LYS A 99 24.17 -2.70 -6.87
C LYS A 99 24.21 -1.24 -6.44
N THR A 100 23.15 -0.78 -5.77
CA THR A 100 23.11 0.61 -5.31
C THR A 100 23.92 0.85 -4.04
N GLY A 101 24.43 -0.22 -3.41
CA GLY A 101 25.19 -0.04 -2.18
C GLY A 101 24.36 -0.30 -0.92
N VAL A 102 23.06 -0.49 -1.08
CA VAL A 102 22.21 -0.71 0.10
C VAL A 102 22.30 -2.15 0.60
N PRO A 103 22.09 -2.34 1.91
CA PRO A 103 22.15 -3.72 2.38
C PRO A 103 20.80 -4.33 2.00
N LEU A 104 20.81 -5.57 1.55
CA LEU A 104 19.59 -6.24 1.18
C LEU A 104 19.46 -7.42 2.11
N VAL A 105 18.50 -7.34 3.03
CA VAL A 105 18.31 -8.43 3.98
C VAL A 105 17.64 -9.59 3.28
N THR A 106 18.33 -10.72 3.25
CA THR A 106 17.80 -11.89 2.57
C THR A 106 17.15 -12.89 3.53
N GLN A 107 17.50 -12.79 4.81
CA GLN A 107 16.94 -13.69 5.82
C GLN A 107 15.44 -13.36 5.94
N HIS A 108 14.62 -14.42 5.86
CA HIS A 108 13.15 -14.34 5.95
C HIS A 108 12.51 -13.55 4.81
N ALA A 109 13.25 -13.33 3.72
CA ALA A 109 12.70 -12.58 2.59
C ALA A 109 12.27 -13.46 1.44
N VAL A 110 11.05 -13.22 0.95
CA VAL A 110 10.52 -13.95 -0.20
C VAL A 110 11.13 -13.30 -1.45
N ALA A 111 11.42 -12.01 -1.37
CA ALA A 111 11.97 -11.26 -2.49
C ALA A 111 12.67 -10.01 -1.98
N VAL A 112 13.62 -9.50 -2.77
CA VAL A 112 14.32 -8.26 -2.45
C VAL A 112 14.30 -7.33 -3.66
N ILE A 113 14.21 -6.04 -3.39
CA ILE A 113 14.16 -5.05 -4.47
C ILE A 113 15.09 -3.93 -4.07
N GLU A 114 15.85 -3.37 -5.02
CA GLU A 114 16.65 -2.19 -4.67
C GLU A 114 16.27 -1.06 -5.65
N ALA A 115 16.27 0.16 -5.14
CA ALA A 115 15.86 1.32 -5.95
C ALA A 115 16.67 2.56 -5.66
N LYS A 116 16.72 3.46 -6.66
CA LYS A 116 17.41 4.73 -6.52
C LYS A 116 16.30 5.80 -6.42
N VAL A 117 16.48 6.75 -5.52
CA VAL A 117 15.45 7.76 -5.33
C VAL A 117 15.41 8.78 -6.45
N VAL A 118 14.23 8.91 -7.07
CA VAL A 118 14.06 9.88 -8.15
C VAL A 118 13.16 11.05 -7.75
N LYS A 119 12.45 10.91 -6.63
CA LYS A 119 11.60 12.01 -6.15
C LYS A 119 11.31 11.86 -4.66
N GLU A 120 11.21 12.98 -3.96
CA GLU A 120 10.82 12.97 -2.54
C GLU A 120 9.58 13.82 -2.42
N CYS A 121 8.57 13.29 -1.77
CA CYS A 121 7.34 14.02 -1.53
C CYS A 121 7.12 14.15 -0.04
N ASP A 122 7.33 15.36 0.45
CA ASP A 122 7.19 15.68 1.86
C ASP A 122 5.72 15.73 2.30
N VAL A 123 5.33 14.84 3.20
CA VAL A 123 3.95 14.82 3.68
C VAL A 123 3.81 15.16 5.16
N GLY A 124 4.77 15.93 5.68
CA GLY A 124 4.65 16.37 7.06
C GLY A 124 5.50 15.60 8.03
N THR A 125 4.90 14.63 8.72
CA THR A 125 5.66 13.85 9.67
C THR A 125 6.53 12.80 8.97
N HIS A 126 6.26 12.53 7.70
CA HIS A 126 6.94 11.49 6.92
C HIS A 126 7.35 12.05 5.57
N THR A 127 8.28 11.35 4.93
CA THR A 127 8.68 11.65 3.55
C THR A 127 8.31 10.42 2.73
N LEU A 128 7.60 10.64 1.62
CA LEU A 128 7.28 9.55 0.72
C LEU A 128 8.40 9.54 -0.32
N PHE A 129 9.21 8.50 -0.35
CA PHE A 129 10.31 8.39 -1.31
C PHE A 129 9.86 7.60 -2.50
N VAL A 130 10.09 8.13 -3.71
CA VAL A 130 9.75 7.42 -4.93
C VAL A 130 11.06 6.89 -5.50
N GLY A 131 11.18 5.58 -5.66
CA GLY A 131 12.40 5.02 -6.19
C GLY A 131 12.20 4.27 -7.49
N GLU A 132 13.16 4.42 -8.41
CA GLU A 132 13.09 3.69 -9.67
C GLU A 132 13.80 2.36 -9.37
N ALA A 133 13.14 1.24 -9.65
CA ALA A 133 13.76 -0.07 -9.35
C ALA A 133 15.00 -0.29 -10.20
N VAL A 134 16.08 -0.75 -9.57
CA VAL A 134 17.31 -1.02 -10.32
C VAL A 134 17.59 -2.54 -10.35
N ASP A 135 17.05 -3.28 -9.38
CA ASP A 135 17.19 -4.74 -9.39
C ASP A 135 16.08 -5.31 -8.51
N ALA A 136 15.73 -6.57 -8.74
CA ALA A 136 14.69 -7.26 -7.98
C ALA A 136 14.94 -8.76 -8.16
N GLU A 137 14.73 -9.53 -7.10
CA GLU A 137 14.97 -10.97 -7.14
C GLU A 137 14.01 -11.72 -6.23
N VAL A 138 13.47 -12.84 -6.71
CA VAL A 138 12.59 -13.68 -5.89
C VAL A 138 13.54 -14.71 -5.27
N LEU A 139 13.48 -14.85 -3.94
CA LEU A 139 14.37 -15.73 -3.20
C LEU A 139 13.77 -17.04 -2.68
N LYS A 140 12.47 -17.04 -2.43
CA LYS A 140 11.79 -18.22 -1.87
C LYS A 140 10.41 -18.39 -2.47
N ASP A 141 9.86 -19.59 -2.30
CA ASP A 141 8.54 -19.93 -2.80
C ASP A 141 7.47 -19.72 -1.72
N ALA A 142 7.88 -19.20 -0.56
CA ALA A 142 6.98 -18.99 0.57
C ALA A 142 5.91 -17.94 0.40
N GLU A 143 4.87 -18.04 1.23
CA GLU A 143 3.79 -17.08 1.24
C GLU A 143 4.35 -15.82 1.91
N VAL A 144 3.78 -14.68 1.55
CA VAL A 144 4.21 -13.43 2.15
C VAL A 144 3.41 -13.16 3.41
N LEU A 145 3.95 -12.31 4.26
CA LEU A 145 3.29 -11.93 5.50
C LEU A 145 2.53 -10.66 5.25
N THR A 146 1.24 -10.62 5.53
CA THR A 146 0.51 -9.38 5.34
C THR A 146 0.42 -8.64 6.67
N TYR A 147 0.10 -7.36 6.62
CA TYR A 147 -0.01 -6.57 7.84
C TYR A 147 -1.17 -7.13 8.68
N ALA A 148 -2.26 -7.53 8.01
CA ALA A 148 -3.40 -8.12 8.71
C ALA A 148 -2.93 -9.40 9.43
N ASP A 149 -2.09 -10.20 8.78
CA ASP A 149 -1.54 -11.44 9.36
C ASP A 149 -0.78 -11.09 10.64
N TYR A 150 0.05 -10.07 10.55
CA TYR A 150 0.84 -9.64 11.70
C TYR A 150 -0.06 -9.25 12.86
N HIS A 151 -1.20 -8.63 12.58
CA HIS A 151 -2.09 -8.27 13.67
C HIS A 151 -2.70 -9.48 14.35
N LEU A 152 -2.88 -10.56 13.60
CA LEU A 152 -3.42 -11.77 14.18
C LEU A 152 -2.28 -12.32 15.06
N MET A 153 -1.04 -12.16 14.60
CA MET A 153 0.10 -12.62 15.38
C MET A 153 0.18 -11.85 16.69
N LYS A 154 -0.05 -10.54 16.65
CA LYS A 154 0.00 -9.73 17.86
C LYS A 154 -1.00 -10.29 18.88
N LYS A 155 -2.15 -10.72 18.41
CA LYS A 155 -3.20 -11.27 19.26
C LYS A 155 -2.90 -12.69 19.71
N GLY A 156 -1.72 -13.21 19.37
CA GLY A 156 -1.34 -14.53 19.80
C GLY A 156 -1.44 -15.69 18.82
N LYS A 157 -2.12 -15.49 17.69
CA LYS A 157 -2.24 -16.55 16.70
C LYS A 157 -0.88 -16.86 16.09
N THR A 158 -0.77 -18.00 15.43
CA THR A 158 0.48 -18.38 14.79
C THR A 158 0.16 -19.12 13.49
N PRO A 159 0.84 -18.77 12.40
CA PRO A 159 0.62 -19.42 11.09
C PRO A 159 0.92 -20.91 11.12
N ARG A 160 0.16 -21.69 10.35
CA ARG A 160 0.39 -23.12 10.30
C ARG A 160 0.52 -23.60 8.87
N THR A 161 1.62 -24.31 8.59
CA THR A 161 1.91 -24.84 7.27
C THR A 161 2.23 -26.33 7.35
N MET B 1 16.68 -8.18 -13.45
CA MET B 1 15.55 -7.71 -12.60
C MET B 1 14.30 -8.53 -12.89
N ASP B 2 13.91 -9.36 -11.93
CA ASP B 2 12.73 -10.20 -12.08
C ASP B 2 11.43 -9.51 -11.69
N VAL B 3 10.55 -9.35 -12.67
CA VAL B 3 9.28 -8.71 -12.45
C VAL B 3 8.40 -9.42 -11.41
N GLU B 4 8.59 -10.74 -11.26
CA GLU B 4 7.79 -11.50 -10.30
C GLU B 4 7.96 -10.95 -8.88
N ALA B 5 9.10 -10.33 -8.60
CA ALA B 5 9.32 -9.79 -7.27
C ALA B 5 8.27 -8.71 -6.96
N PHE B 6 7.90 -7.91 -7.95
CA PHE B 6 6.91 -6.87 -7.70
C PHE B 6 5.51 -7.41 -7.38
N TYR B 7 5.24 -8.64 -7.81
CA TYR B 7 3.96 -9.25 -7.55
C TYR B 7 3.86 -9.78 -6.12
N LYS B 8 4.95 -9.67 -5.35
CA LYS B 8 4.98 -10.11 -3.97
C LYS B 8 4.52 -8.97 -3.04
N ILE B 9 4.36 -7.76 -3.59
CA ILE B 9 3.88 -6.61 -2.81
C ILE B 9 2.35 -6.77 -2.64
N SER B 10 1.87 -6.51 -1.41
CA SER B 10 0.44 -6.69 -1.09
C SER B 10 -0.41 -5.41 -1.20
N TYR B 11 -1.65 -5.58 -1.68
CA TYR B 11 -2.59 -4.46 -1.83
C TYR B 11 -4.01 -4.86 -1.48
N GLY B 12 -4.84 -3.85 -1.26
CA GLY B 12 -6.26 -4.10 -1.04
C GLY B 12 -6.95 -3.88 -2.40
N LEU B 13 -8.28 -3.85 -2.41
CA LEU B 13 -9.05 -3.55 -3.65
C LEU B 13 -10.11 -2.52 -3.22
N TYR B 14 -10.18 -1.43 -3.97
CA TYR B 14 -11.02 -0.30 -3.60
C TYR B 14 -11.71 0.33 -4.79
N ILE B 15 -12.71 1.14 -4.48
CA ILE B 15 -13.34 1.97 -5.48
C ILE B 15 -12.90 3.36 -5.05
N VAL B 16 -12.32 4.13 -5.97
CA VAL B 16 -11.91 5.51 -5.66
C VAL B 16 -12.90 6.40 -6.43
N THR B 17 -13.54 7.34 -5.73
CA THR B 17 -14.55 8.19 -6.35
C THR B 17 -14.28 9.68 -6.27
N SER B 18 -14.91 10.45 -7.17
CA SER B 18 -14.75 11.89 -7.15
C SER B 18 -15.91 12.44 -7.95
N GLU B 19 -15.95 13.76 -8.11
CA GLU B 19 -17.03 14.38 -8.88
C GLU B 19 -16.47 15.64 -9.50
N SER B 20 -16.77 15.83 -10.78
CA SER B 20 -16.29 17.02 -11.45
C SER B 20 -17.32 17.50 -12.46
N ASN B 21 -17.58 18.80 -12.48
CA ASN B 21 -18.54 19.34 -13.45
C ASN B 21 -19.88 18.63 -13.32
N GLY B 22 -20.34 18.47 -12.09
CA GLY B 22 -21.63 17.81 -11.86
C GLY B 22 -21.70 16.38 -12.38
N ARG B 23 -20.56 15.71 -12.48
CA ARG B 23 -20.53 14.34 -12.96
C ARG B 23 -19.74 13.45 -12.00
N LYS B 24 -20.40 12.41 -11.50
CA LYS B 24 -19.77 11.46 -10.58
C LYS B 24 -18.81 10.59 -11.36
N CYS B 25 -17.67 10.25 -10.75
CA CYS B 25 -16.67 9.39 -11.38
C CYS B 25 -16.20 8.36 -10.37
N GLY B 26 -15.72 7.22 -10.85
CA GLY B 26 -15.23 6.21 -9.93
C GLY B 26 -14.44 5.17 -10.70
N GLN B 27 -13.43 4.58 -10.06
CA GLN B 27 -12.63 3.55 -10.70
C GLN B 27 -12.14 2.57 -9.66
N ILE B 28 -11.86 1.34 -10.08
CA ILE B 28 -11.30 0.37 -9.16
C ILE B 28 -9.83 0.71 -9.06
N ALA B 29 -9.25 0.54 -7.87
CA ALA B 29 -7.83 0.83 -7.68
C ALA B 29 -7.30 -0.12 -6.62
N ASN B 30 -6.00 -0.44 -6.69
CA ASN B 30 -5.43 -1.26 -5.64
C ASN B 30 -4.40 -0.43 -4.84
N THR B 31 -4.04 0.75 -5.36
CA THR B 31 -3.00 1.54 -4.71
C THR B 31 -3.54 2.68 -3.85
N VAL B 32 -3.94 2.30 -2.64
CA VAL B 32 -4.50 3.19 -1.64
C VAL B 32 -3.82 2.83 -0.33
N PHE B 33 -3.27 3.82 0.34
CA PHE B 33 -2.56 3.57 1.58
C PHE B 33 -2.53 4.78 2.49
N GLN B 34 -2.53 4.53 3.79
CA GLN B 34 -2.42 5.62 4.75
C GLN B 34 -0.94 6.03 4.83
N LEU B 35 -0.67 7.33 4.81
CA LEU B 35 0.73 7.79 4.88
C LEU B 35 1.15 8.26 6.26
N THR B 36 0.24 8.94 6.95
CA THR B 36 0.52 9.52 8.26
C THR B 36 -0.67 9.40 9.21
N SER B 37 -0.43 9.61 10.49
CA SER B 37 -1.53 9.55 11.46
C SER B 37 -1.79 10.89 12.12
N LYS B 38 -0.84 11.83 11.98
CA LYS B 38 -0.96 13.16 12.57
C LYS B 38 -0.71 14.27 11.56
N PRO B 39 -1.75 14.69 10.83
CA PRO B 39 -3.14 14.21 10.85
C PRO B 39 -3.24 12.99 9.93
N VAL B 40 -4.39 12.35 9.91
CA VAL B 40 -4.53 11.19 9.04
C VAL B 40 -4.55 11.63 7.56
N GLN B 41 -3.60 11.10 6.79
CA GLN B 41 -3.53 11.36 5.36
C GLN B 41 -3.54 10.04 4.60
N ILE B 42 -4.28 10.03 3.50
CA ILE B 42 -4.44 8.83 2.64
C ILE B 42 -3.97 9.16 1.25
N ALA B 43 -3.21 8.24 0.65
CA ALA B 43 -2.73 8.44 -0.71
C ALA B 43 -3.45 7.50 -1.68
N VAL B 44 -3.75 8.01 -2.87
CA VAL B 44 -4.34 7.18 -3.93
C VAL B 44 -3.52 7.48 -5.18
N CYS B 45 -3.07 6.45 -5.89
CA CYS B 45 -2.27 6.67 -7.09
C CYS B 45 -3.13 6.30 -8.30
N LEU B 46 -3.43 7.30 -9.12
CA LEU B 46 -4.30 7.13 -10.30
C LEU B 46 -3.60 7.43 -11.62
N ASN B 47 -3.92 6.63 -12.63
CA ASN B 47 -3.34 6.79 -13.96
C ASN B 47 -3.89 8.06 -14.63
N LYS B 48 -3.00 8.84 -15.22
CA LYS B 48 -3.37 10.12 -15.85
C LYS B 48 -4.39 10.03 -16.97
N GLU B 49 -4.55 8.84 -17.53
CA GLU B 49 -5.50 8.65 -18.62
C GLU B 49 -6.94 8.40 -18.16
N ASN B 50 -7.13 8.19 -16.86
CA ASN B 50 -8.46 7.90 -16.32
C ASN B 50 -9.31 9.13 -15.99
N ASP B 51 -10.63 9.01 -16.18
CA ASP B 51 -11.50 10.13 -15.87
C ASP B 51 -11.51 10.48 -14.38
N THR B 52 -11.36 9.47 -13.53
CA THR B 52 -11.35 9.72 -12.09
C THR B 52 -10.12 10.54 -11.73
N HIS B 53 -9.00 10.28 -12.40
CA HIS B 53 -7.78 11.06 -12.14
C HIS B 53 -8.10 12.54 -12.39
N ASN B 54 -8.70 12.84 -13.54
CA ASN B 54 -8.99 14.22 -13.86
C ASN B 54 -10.02 14.84 -12.93
N ALA B 55 -10.98 14.05 -12.45
CA ALA B 55 -12.00 14.55 -11.53
C ALA B 55 -11.36 14.93 -10.20
N VAL B 56 -10.41 14.11 -9.75
CA VAL B 56 -9.75 14.42 -8.51
C VAL B 56 -8.88 15.65 -8.72
N LYS B 57 -8.23 15.72 -9.87
CA LYS B 57 -7.37 16.87 -10.15
C LYS B 57 -8.15 18.19 -10.11
N GLU B 58 -9.35 18.18 -10.67
CA GLU B 58 -10.17 19.39 -10.72
C GLU B 58 -10.90 19.73 -9.41
N SER B 59 -11.52 18.74 -8.78
CA SER B 59 -12.29 18.96 -7.56
C SER B 59 -11.50 19.05 -6.27
N GLY B 60 -10.32 18.44 -6.21
CA GLY B 60 -9.55 18.47 -5.00
C GLY B 60 -10.10 17.57 -3.90
N ALA B 61 -10.88 16.55 -4.25
CA ALA B 61 -11.41 15.65 -3.24
C ALA B 61 -11.62 14.26 -3.79
N PHE B 62 -11.62 13.26 -2.91
CA PHE B 62 -11.86 11.90 -3.33
C PHE B 62 -12.44 11.04 -2.22
N GLY B 63 -13.08 9.95 -2.62
CA GLY B 63 -13.64 9.02 -1.66
C GLY B 63 -13.02 7.66 -1.90
N VAL B 64 -12.99 6.83 -0.87
CA VAL B 64 -12.44 5.48 -0.99
C VAL B 64 -13.42 4.50 -0.36
N SER B 65 -13.83 3.49 -1.12
CA SER B 65 -14.69 2.43 -0.58
C SER B 65 -13.82 1.17 -0.47
N VAL B 66 -13.71 0.58 0.73
CA VAL B 66 -12.90 -0.64 0.88
C VAL B 66 -13.82 -1.82 0.60
N LEU B 67 -13.57 -2.52 -0.50
CA LEU B 67 -14.45 -3.64 -0.88
C LEU B 67 -14.40 -4.88 -0.01
N GLU B 68 -15.57 -5.48 0.20
CA GLU B 68 -15.66 -6.69 1.01
C GLU B 68 -15.24 -7.91 0.20
N LEU B 69 -14.79 -8.94 0.91
CA LEU B 69 -14.32 -10.19 0.30
C LEU B 69 -15.29 -10.79 -0.72
N GLU B 70 -16.58 -10.72 -0.42
CA GLU B 70 -17.57 -11.31 -1.30
C GLU B 70 -18.17 -10.39 -2.37
N THR B 71 -17.46 -9.31 -2.70
CA THR B 71 -17.94 -8.37 -3.71
C THR B 71 -18.09 -9.10 -5.06
N PRO B 72 -19.26 -9.01 -5.69
CA PRO B 72 -19.45 -9.68 -6.99
C PRO B 72 -18.52 -9.19 -8.09
N MET B 73 -17.99 -10.09 -8.90
CA MET B 73 -17.08 -9.66 -9.97
C MET B 73 -17.75 -8.67 -10.92
N GLU B 74 -19.07 -8.81 -11.09
CA GLU B 74 -19.80 -7.91 -11.98
C GLU B 74 -19.78 -6.48 -11.44
N PHE B 75 -19.87 -6.36 -10.12
CA PHE B 75 -19.87 -5.05 -9.47
C PHE B 75 -18.50 -4.41 -9.67
N ILE B 76 -17.45 -5.19 -9.48
CA ILE B 76 -16.10 -4.67 -9.68
C ILE B 76 -15.98 -4.28 -11.16
N GLY B 77 -16.61 -5.06 -12.02
CA GLY B 77 -16.57 -4.77 -13.44
C GLY B 77 -17.16 -3.43 -13.83
N ARG B 78 -18.22 -3.00 -13.14
CA ARG B 78 -18.86 -1.73 -13.43
C ARG B 78 -17.88 -0.57 -13.32
N PHE B 79 -16.99 -0.65 -12.34
CA PHE B 79 -16.03 0.43 -12.15
C PHE B 79 -14.70 0.21 -12.82
N GLY B 80 -14.63 -0.73 -13.76
CA GLY B 80 -13.38 -0.98 -14.45
C GLY B 80 -13.39 -0.75 -15.96
N PHE B 81 -14.38 -0.02 -16.46
CA PHE B 81 -14.47 0.26 -17.89
C PHE B 81 -13.90 1.62 -18.22
N ARG B 82 -12.89 1.65 -19.07
CA ARG B 82 -12.26 2.90 -19.48
C ARG B 82 -13.27 3.71 -20.29
N LYS B 83 -14.37 3.07 -20.67
CA LYS B 83 -15.42 3.74 -21.42
C LYS B 83 -16.83 3.32 -20.99
N SER B 84 -17.48 4.20 -20.25
CA SER B 84 -18.83 3.96 -19.75
C SER B 84 -19.40 5.28 -19.25
N SER B 85 -20.73 5.41 -19.25
CA SER B 85 -21.38 6.63 -18.80
C SER B 85 -21.53 6.67 -17.28
N GLU B 86 -21.78 7.86 -16.74
CA GLU B 86 -21.96 8.02 -15.31
C GLU B 86 -23.17 7.18 -14.89
N PHE B 87 -24.15 7.06 -15.79
CA PHE B 87 -25.35 6.29 -15.50
C PHE B 87 -25.04 4.78 -15.46
N GLU B 88 -24.26 4.32 -16.43
CA GLU B 88 -23.90 2.89 -16.48
C GLU B 88 -23.18 2.50 -15.20
N LYS B 89 -22.33 3.40 -14.70
CA LYS B 89 -21.57 3.12 -13.49
C LYS B 89 -22.32 3.19 -12.18
N PHE B 90 -23.09 4.25 -11.97
CA PHE B 90 -23.82 4.39 -10.70
C PHE B 90 -25.27 3.96 -10.65
N ASP B 91 -25.90 3.67 -11.79
CA ASP B 91 -27.30 3.26 -11.80
C ASP B 91 -27.53 2.02 -10.94
N GLY B 92 -28.34 2.16 -9.91
CA GLY B 92 -28.62 1.02 -9.05
C GLY B 92 -27.59 0.76 -7.96
N VAL B 93 -26.63 1.66 -7.80
CA VAL B 93 -25.61 1.47 -6.76
C VAL B 93 -25.94 2.31 -5.53
N GLU B 94 -25.78 1.72 -4.34
CA GLU B 94 -26.04 2.44 -3.11
C GLU B 94 -24.88 3.35 -2.77
N TYR B 95 -25.16 4.64 -2.60
CA TYR B 95 -24.12 5.62 -2.26
C TYR B 95 -24.76 6.84 -1.61
N LYS B 96 -23.92 7.73 -1.09
CA LYS B 96 -24.38 8.96 -0.47
C LYS B 96 -23.36 10.03 -0.80
N THR B 97 -23.70 11.28 -0.55
CA THR B 97 -22.76 12.34 -0.87
C THR B 97 -22.22 13.04 0.38
N GLY B 98 -20.89 13.10 0.47
CA GLY B 98 -20.26 13.73 1.61
C GLY B 98 -20.19 15.25 1.51
N LYS B 99 -19.76 15.88 2.59
CA LYS B 99 -19.62 17.34 2.62
C LYS B 99 -18.68 17.86 1.52
N THR B 100 -17.69 17.05 1.14
CA THR B 100 -16.75 17.47 0.09
C THR B 100 -17.36 17.41 -1.30
N GLY B 101 -18.53 16.79 -1.42
CA GLY B 101 -19.17 16.68 -2.72
C GLY B 101 -18.94 15.37 -3.45
N VAL B 102 -18.05 14.53 -2.92
CA VAL B 102 -17.80 13.28 -3.62
C VAL B 102 -18.84 12.20 -3.30
N PRO B 103 -19.11 11.30 -4.25
CA PRO B 103 -20.07 10.23 -3.99
C PRO B 103 -19.33 9.14 -3.21
N LEU B 104 -19.85 8.76 -2.05
CA LEU B 104 -19.24 7.70 -1.25
C LEU B 104 -20.05 6.43 -1.47
N VAL B 105 -19.47 5.48 -2.20
CA VAL B 105 -20.16 4.22 -2.49
C VAL B 105 -20.15 3.31 -1.27
N THR B 106 -21.34 2.97 -0.77
CA THR B 106 -21.46 2.13 0.42
C THR B 106 -21.76 0.69 0.10
N GLN B 107 -22.23 0.44 -1.11
CA GLN B 107 -22.54 -0.94 -1.51
C GLN B 107 -21.28 -1.80 -1.55
N HIS B 108 -21.35 -2.96 -0.88
CA HIS B 108 -20.23 -3.90 -0.80
C HIS B 108 -18.99 -3.34 -0.13
N ALA B 109 -19.17 -2.28 0.65
CA ALA B 109 -18.04 -1.66 1.32
C ALA B 109 -17.98 -1.95 2.80
N VAL B 110 -16.78 -2.34 3.26
CA VAL B 110 -16.59 -2.63 4.67
C VAL B 110 -16.41 -1.28 5.38
N ALA B 111 -15.88 -0.30 4.65
CA ALA B 111 -15.67 1.05 5.18
C ALA B 111 -15.56 2.06 4.04
N VAL B 112 -15.79 3.33 4.37
CA VAL B 112 -15.65 4.42 3.41
C VAL B 112 -14.87 5.54 4.07
N ILE B 113 -14.06 6.22 3.26
CA ILE B 113 -13.23 7.32 3.73
C ILE B 113 -13.40 8.47 2.76
N GLU B 114 -13.47 9.69 3.30
CA GLU B 114 -13.61 10.88 2.49
C GLU B 114 -12.37 11.72 2.76
N ALA B 115 -11.77 12.29 1.70
CA ALA B 115 -10.55 13.09 1.88
C ALA B 115 -10.46 14.33 0.99
N LYS B 116 -9.78 15.38 1.48
CA LYS B 116 -9.57 16.58 0.66
C LYS B 116 -8.08 16.55 0.27
N VAL B 117 -7.80 16.76 -1.01
CA VAL B 117 -6.42 16.76 -1.51
C VAL B 117 -5.60 17.90 -0.95
N VAL B 118 -4.45 17.57 -0.36
CA VAL B 118 -3.57 18.58 0.19
C VAL B 118 -2.23 18.62 -0.53
N LYS B 119 -1.97 17.63 -1.38
CA LYS B 119 -0.71 17.61 -2.14
C LYS B 119 -0.82 16.63 -3.29
N GLU B 120 -0.11 16.94 -4.36
CA GLU B 120 -0.06 16.06 -5.52
C GLU B 120 1.40 15.76 -5.81
N CYS B 121 1.68 14.48 -6.01
CA CYS B 121 3.02 14.00 -6.29
C CYS B 121 2.97 13.41 -7.70
N ASP B 122 3.51 14.13 -8.67
CA ASP B 122 3.50 13.65 -10.04
C ASP B 122 4.60 12.63 -10.26
N VAL B 123 4.25 11.39 -10.63
CA VAL B 123 5.26 10.36 -10.84
C VAL B 123 5.35 9.84 -12.28
N GLY B 124 4.98 10.70 -13.22
CA GLY B 124 5.06 10.35 -14.63
C GLY B 124 3.75 9.96 -15.27
N THR B 125 3.53 8.66 -15.37
CA THR B 125 2.30 8.13 -15.95
C THR B 125 1.10 8.24 -15.03
N HIS B 126 1.37 8.49 -13.74
CA HIS B 126 0.33 8.57 -12.72
C HIS B 126 0.57 9.76 -11.82
N THR B 127 -0.44 10.09 -11.02
CA THR B 127 -0.33 11.14 -10.02
C THR B 127 -0.69 10.47 -8.68
N LEU B 128 0.13 10.71 -7.66
CA LEU B 128 -0.18 10.21 -6.33
C LEU B 128 -0.84 11.39 -5.61
N PHE B 129 -2.12 11.25 -5.26
CA PHE B 129 -2.83 12.32 -4.57
C PHE B 129 -2.77 12.08 -3.09
N VAL B 130 -2.37 13.08 -2.32
CA VAL B 130 -2.31 12.94 -0.87
C VAL B 130 -3.52 13.67 -0.30
N GLY B 131 -4.39 12.94 0.35
CA GLY B 131 -5.56 13.57 0.92
C GLY B 131 -5.62 13.54 2.43
N GLU B 132 -6.14 14.62 3.02
CA GLU B 132 -6.31 14.63 4.46
C GLU B 132 -7.71 14.05 4.70
N ALA B 133 -7.82 13.03 5.54
CA ALA B 133 -9.11 12.40 5.81
C ALA B 133 -10.03 13.37 6.56
N VAL B 134 -11.24 13.54 6.06
CA VAL B 134 -12.21 14.43 6.73
C VAL B 134 -13.38 13.67 7.34
N ASP B 135 -13.59 12.44 6.93
CA ASP B 135 -14.61 11.56 7.52
C ASP B 135 -14.23 10.13 7.19
N ALA B 136 -14.73 9.19 7.99
CA ALA B 136 -14.45 7.79 7.74
C ALA B 136 -15.39 7.00 8.62
N GLU B 137 -15.90 5.90 8.10
CA GLU B 137 -16.80 5.06 8.87
C GLU B 137 -16.73 3.58 8.50
N VAL B 138 -16.91 2.73 9.50
CA VAL B 138 -16.92 1.30 9.27
C VAL B 138 -18.40 0.99 9.02
N LEU B 139 -18.69 0.30 7.93
CA LEU B 139 -20.08 0.00 7.55
C LEU B 139 -20.52 -1.44 7.76
N LYS B 140 -19.58 -2.36 7.68
CA LYS B 140 -19.89 -3.78 7.82
C LYS B 140 -18.83 -4.53 8.59
N ASP B 141 -19.25 -5.67 9.10
CA ASP B 141 -18.42 -6.57 9.89
C ASP B 141 -17.59 -7.49 8.97
N ALA B 142 -17.87 -7.45 7.67
CA ALA B 142 -17.21 -8.31 6.68
C ALA B 142 -15.69 -8.22 6.50
N GLU B 143 -15.12 -9.30 5.98
CA GLU B 143 -13.69 -9.40 5.70
C GLU B 143 -13.45 -8.59 4.43
N VAL B 144 -12.24 -8.03 4.30
CA VAL B 144 -11.92 -7.25 3.12
C VAL B 144 -11.38 -8.09 1.99
N LEU B 145 -11.50 -7.57 0.77
CA LEU B 145 -10.99 -8.22 -0.42
C LEU B 145 -9.59 -7.70 -0.71
N THR B 146 -8.60 -8.59 -0.78
CA THR B 146 -7.24 -8.15 -1.09
C THR B 146 -7.05 -8.29 -2.60
N TYR B 147 -6.06 -7.62 -3.14
CA TYR B 147 -5.77 -7.69 -4.57
C TYR B 147 -5.38 -9.12 -4.98
N ALA B 148 -4.60 -9.79 -4.14
CA ALA B 148 -4.18 -11.14 -4.44
C ALA B 148 -5.41 -12.06 -4.47
N ASP B 149 -6.37 -11.82 -3.56
CA ASP B 149 -7.61 -12.59 -3.48
C ASP B 149 -8.35 -12.45 -4.80
N TYR B 150 -8.53 -11.19 -5.21
CA TYR B 150 -9.23 -10.87 -6.44
C TYR B 150 -8.62 -11.65 -7.61
N HIS B 151 -7.31 -11.64 -7.69
CA HIS B 151 -6.61 -12.32 -8.76
C HIS B 151 -6.86 -13.83 -8.77
N LEU B 152 -6.73 -14.46 -7.63
CA LEU B 152 -6.97 -15.89 -7.55
C LEU B 152 -8.41 -16.17 -7.97
N MET B 153 -9.35 -15.55 -7.27
CA MET B 153 -10.77 -15.72 -7.56
C MET B 153 -11.04 -15.52 -9.04
N LYS B 154 -10.63 -14.37 -9.58
CA LYS B 154 -10.84 -14.07 -10.98
C LYS B 154 -10.48 -15.27 -11.87
N LYS B 155 -9.29 -15.82 -11.67
CA LYS B 155 -8.87 -16.97 -12.46
C LYS B 155 -9.79 -18.16 -12.21
N GLY B 156 -10.04 -18.44 -10.93
CA GLY B 156 -10.91 -19.54 -10.57
C GLY B 156 -10.35 -20.26 -9.35
N LYS B 157 -9.09 -19.97 -9.03
CA LYS B 157 -8.41 -20.56 -7.89
C LYS B 157 -9.18 -20.28 -6.61
N THR B 158 -8.74 -20.88 -5.51
CA THR B 158 -9.38 -20.69 -4.21
C THR B 158 -8.64 -19.59 -3.44
N PRO B 159 -9.40 -18.67 -2.81
CA PRO B 159 -8.82 -17.57 -2.04
C PRO B 159 -7.77 -18.04 -1.03
N ARG B 160 -7.00 -17.10 -0.51
CA ARG B 160 -5.94 -17.41 0.45
C ARG B 160 -6.48 -18.25 1.61
N THR B 161 -7.68 -17.91 2.08
CA THR B 161 -8.32 -18.61 3.19
C THR B 161 -8.23 -20.13 3.09
N ALA B 162 -7.83 -20.63 1.93
CA ALA B 162 -7.73 -22.07 1.72
C ALA B 162 -6.41 -22.69 2.18
N THR B 163 -5.35 -21.89 2.24
CA THR B 163 -4.04 -22.40 2.66
C THR B 163 -3.49 -21.81 3.96
N VAL B 164 -3.73 -20.53 4.17
CA VAL B 164 -3.22 -19.87 5.37
C VAL B 164 -4.16 -20.09 6.56
N TYR B 165 -3.63 -20.72 7.60
CA TYR B 165 -4.40 -21.02 8.80
C TYR B 165 -3.73 -20.50 10.06
N PHE B 166 -4.46 -19.73 10.86
CA PHE B 166 -3.92 -19.19 12.11
C PHE B 166 -4.49 -19.90 13.33
N GLU B 167 -3.62 -20.60 14.05
CA GLU B 167 -4.00 -21.32 15.25
C GLU B 167 -3.40 -20.60 16.46
N SER B 168 -4.03 -20.74 17.62
CA SER B 168 -3.55 -20.09 18.84
C SER B 168 -2.60 -20.99 19.63
#